data_3U6P
#
_entry.id   3U6P
#
_cell.length_a   45.188
_cell.length_b   93.541
_cell.length_c   104.650
_cell.angle_alpha   90.00
_cell.angle_beta   90.00
_cell.angle_gamma   90.00
#
_symmetry.space_group_name_H-M   'P 21 21 21'
#
loop_
_entity.id
_entity.type
_entity.pdbx_description
1 polymer 'Formamidopyrimidine-DNA glycosylase'
2 polymer "DNA (5'-D(*A*GP*GP*TP*AP*GP*AP*TP*CP*CP*CP*GP*AP*CP*GP*C)-3')"
3 polymer "DNA (5'-D(*TP*GP*CP*GP*TP*CP*GP*GP*GP*AP*(08Q)P*CP*TP*AP*CP*C)-3')"
4 non-polymer 'ZINC ION'
5 water water
#
loop_
_entity_poly.entity_id
_entity_poly.type
_entity_poly.pdbx_seq_one_letter_code
_entity_poly.pdbx_strand_id
1 'polypeptide(L)'
;PQLPEVETIRRTLLPLIVGKTIEDVRIFWPNIIRHPRDSEAFAARMIGQTVRGLERRGKFLKFLLDRDALISHLRMEGRY
AVASALEPLEPHTHVVFCFTDGSELRYRDVRKFGTMHVYAKEEADRRPPLAELGPEPLSPAFSPAVLAERAVKTKRSVKA
LLLDCTVVAGFGNIYVDESLFRAGILPGRPAASLSSKEIERLHEEMVATIGEAVMKGGSTPRTYVNTQGEAGTFQHHLYV
YGRQGNPCKRCGTPIEKTVVAGRGTHYCPRCQR
;
A
2 'polydeoxyribonucleotide' (DA)(DG)(DG)(DT)(DA)(DG)(DA)(DT)(DC)(DC)(DC)(DG)(DA)(DC)(DG)(DC) B
3 'polydeoxyribonucleotide' (DT)(DG)(DC)(DG)(DT)(DC)(DG)(DG)(DG)(DA)(08Q)(DC)(DT)(DA)(DC)(DC) C
#
loop_
_chem_comp.id
_chem_comp.type
_chem_comp.name
_chem_comp.formula
08Q non-polymer 5'-O-{(S)-hydroxy[(2-sulfanylethyl)amino]phosphoryl}thymidine 'C12 H20 N3 O7 P S'
DA DNA linking 2'-DEOXYADENOSINE-5'-MONOPHOSPHATE 'C10 H14 N5 O6 P'
DC DNA linking 2'-DEOXYCYTIDINE-5'-MONOPHOSPHATE 'C9 H14 N3 O7 P'
DG DNA linking 2'-DEOXYGUANOSINE-5'-MONOPHOSPHATE 'C10 H14 N5 O7 P'
DT DNA linking THYMIDINE-5'-MONOPHOSPHATE 'C10 H15 N2 O8 P'
ZN non-polymer 'ZINC ION' 'Zn 2'
#
# COMPACT_ATOMS: atom_id res chain seq x y z
N PRO A 1 2.06 -4.16 5.81
CA PRO A 1 0.70 -3.64 6.04
C PRO A 1 -0.03 -3.44 4.73
N GLN A 2 -1.32 -3.75 4.69
CA GLN A 2 -2.11 -3.49 3.49
C GLN A 2 -2.79 -2.12 3.60
N LEU A 3 -3.54 -1.75 2.57
CA LEU A 3 -4.09 -0.39 2.49
C LEU A 3 -4.81 0.06 3.77
N PRO A 4 -5.73 -0.77 4.30
CA PRO A 4 -6.45 -0.34 5.50
C PRO A 4 -5.52 -0.08 6.68
N GLU A 5 -4.49 -0.90 6.83
CA GLU A 5 -3.50 -0.72 7.89
C GLU A 5 -2.72 0.57 7.68
N VAL A 6 -2.39 0.86 6.42
CA VAL A 6 -1.66 2.09 6.11
C VAL A 6 -2.50 3.32 6.44
N GLU A 7 -3.79 3.24 6.21
CA GLU A 7 -4.69 4.34 6.54
C GLU A 7 -4.74 4.54 8.05
N THR A 8 -4.74 3.44 8.80
CA THR A 8 -4.70 3.52 10.26
C THR A 8 -3.42 4.19 10.72
N ILE A 9 -2.31 3.83 10.08
CA ILE A 9 -1.02 4.43 10.38
C ILE A 9 -1.06 5.93 10.10
N ARG A 10 -1.62 6.30 8.96
CA ARG A 10 -1.73 7.70 8.59
C ARG A 10 -2.48 8.50 9.67
N ARG A 11 -3.63 7.97 10.06
CA ARG A 11 -4.50 8.64 11.02
CA ARG A 11 -4.49 8.65 11.02
C ARG A 11 -3.86 8.74 12.41
N THR A 12 -3.23 7.66 12.84
CA THR A 12 -2.67 7.61 14.19
C THR A 12 -1.32 8.32 14.32
N LEU A 13 -0.52 8.25 13.27
CA LEU A 13 0.83 8.82 13.31
C LEU A 13 0.82 10.35 13.26
N LEU A 14 -0.10 10.90 12.48
CA LEU A 14 -0.13 12.34 12.23
C LEU A 14 -0.03 13.21 13.50
N PRO A 15 -0.91 12.98 14.48
CA PRO A 15 -0.86 13.81 15.68
C PRO A 15 0.43 13.64 16.49
N LEU A 16 1.13 12.53 16.29
CA LEU A 16 2.36 12.26 17.03
C LEU A 16 3.57 12.99 16.43
N ILE A 17 3.42 13.52 15.23
CA ILE A 17 4.56 14.19 14.58
C ILE A 17 4.27 15.59 14.06
N VAL A 18 3.00 15.94 13.90
CA VAL A 18 2.64 17.24 13.32
C VAL A 18 3.22 18.38 14.15
N GLY A 19 3.82 19.35 13.46
CA GLY A 19 4.37 20.53 14.12
C GLY A 19 5.78 20.35 14.67
N LYS A 20 6.32 19.14 14.56
CA LYS A 20 7.68 18.87 15.00
C LYS A 20 8.69 19.21 13.92
N THR A 21 9.85 19.70 14.33
CA THR A 21 10.88 20.14 13.40
C THR A 21 12.03 19.14 13.38
N ILE A 22 12.42 18.72 12.18
CA ILE A 22 13.52 17.77 12.03
C ILE A 22 14.86 18.42 12.34
N GLU A 23 15.62 17.79 13.24
CA GLU A 23 16.96 18.27 13.56
C GLU A 23 18.06 17.38 12.99
N ASP A 24 17.74 16.11 12.75
CA ASP A 24 18.70 15.17 12.20
C ASP A 24 17.96 14.03 11.50
N VAL A 25 18.62 13.42 10.53
CA VAL A 25 18.09 12.23 9.88
C VAL A 25 19.22 11.21 9.85
N ARG A 26 19.00 10.06 10.46
CA ARG A 26 20.03 9.03 10.56
C ARG A 26 19.62 7.80 9.76
N ILE A 27 20.55 7.32 8.92
CA ILE A 27 20.25 6.24 7.99
C ILE A 27 21.22 5.08 8.18
N PHE A 28 20.67 3.91 8.47
CA PHE A 28 21.50 2.74 8.78
C PHE A 28 21.45 1.68 7.67
N TRP A 29 20.55 1.87 6.73
CA TRP A 29 20.52 1.04 5.52
C TRP A 29 20.16 1.94 4.33
N PRO A 30 21.20 2.49 3.68
CA PRO A 30 21.03 3.50 2.62
C PRO A 30 20.13 3.06 1.46
N ASN A 31 20.07 1.76 1.20
CA ASN A 31 19.29 1.24 0.07
C ASN A 31 17.80 1.57 0.15
N ILE A 32 17.30 1.82 1.36
CA ILE A 32 15.92 2.25 1.54
C ILE A 32 15.66 3.58 0.85
N ILE A 33 16.68 4.45 0.84
CA ILE A 33 16.57 5.76 0.22
C ILE A 33 16.69 5.67 -1.30
N ARG A 34 15.63 6.06 -2.00
CA ARG A 34 15.60 5.94 -3.45
C ARG A 34 15.75 7.28 -4.19
N HIS A 35 15.34 8.36 -3.54
CA HIS A 35 15.59 9.71 -4.07
C HIS A 35 15.60 10.74 -2.95
N PRO A 36 16.59 11.64 -2.95
CA PRO A 36 17.76 11.61 -3.83
C PRO A 36 18.48 10.27 -3.71
N ARG A 37 19.20 9.87 -4.75
CA ARG A 37 19.93 8.60 -4.72
C ARG A 37 20.93 8.57 -3.57
N ASP A 38 21.56 9.71 -3.33
CA ASP A 38 22.53 9.86 -2.25
C ASP A 38 21.83 10.05 -0.91
N SER A 39 21.97 9.08 -0.02
CA SER A 39 21.32 9.15 1.28
C SER A 39 21.75 10.40 2.07
N GLU A 40 22.95 10.89 1.82
CA GLU A 40 23.43 12.08 2.51
C GLU A 40 22.66 13.34 2.09
N ALA A 41 22.26 13.40 0.82
CA ALA A 41 21.46 14.52 0.34
C ALA A 41 20.04 14.44 0.87
N PHE A 42 19.51 13.23 0.92
CA PHE A 42 18.21 12.94 1.52
C PHE A 42 18.17 13.48 2.96
N ALA A 43 19.16 13.10 3.77
CA ALA A 43 19.22 13.56 5.15
C ALA A 43 19.36 15.07 5.26
N ALA A 44 20.28 15.63 4.50
CA ALA A 44 20.60 17.06 4.59
C ALA A 44 19.40 17.96 4.28
N ARG A 45 18.63 17.60 3.26
CA ARG A 45 17.56 18.49 2.81
C ARG A 45 16.38 18.53 3.79
N MET A 46 16.20 17.46 4.55
CA MET A 46 15.08 17.38 5.47
CA MET A 46 15.09 17.35 5.49
C MET A 46 15.32 18.17 6.76
N ILE A 47 16.57 18.32 7.14
CA ILE A 47 16.90 19.03 8.37
C ILE A 47 16.38 20.48 8.35
N GLY A 48 15.70 20.87 9.41
CA GLY A 48 15.17 22.22 9.51
C GLY A 48 13.72 22.34 9.08
N GLN A 49 13.19 21.29 8.45
CA GLN A 49 11.80 21.30 8.02
C GLN A 49 10.88 20.77 9.11
N THR A 50 9.67 21.35 9.14
CA THR A 50 8.65 20.97 10.12
C THR A 50 7.60 20.10 9.45
N VAL A 51 7.14 19.07 10.16
CA VAL A 51 6.09 18.20 9.63
C VAL A 51 4.76 18.94 9.66
N ARG A 52 4.09 19.02 8.52
CA ARG A 52 2.85 19.78 8.40
C ARG A 52 1.63 18.91 8.18
N GLY A 53 1.83 17.74 7.58
CA GLY A 53 0.72 16.85 7.29
C GLY A 53 1.14 15.43 6.95
N LEU A 54 0.14 14.56 6.81
CA LEU A 54 0.40 13.17 6.46
C LEU A 54 -0.79 12.64 5.67
N GLU A 55 -0.54 12.25 4.43
CA GLU A 55 -1.59 11.77 3.55
C GLU A 55 -1.26 10.35 3.10
N ARG A 56 -2.25 9.70 2.50
CA ARG A 56 -2.05 8.36 1.96
C ARG A 56 -2.48 8.30 0.50
N ARG A 57 -1.67 7.64 -0.32
CA ARG A 57 -2.06 7.31 -1.68
C ARG A 57 -1.76 5.83 -1.91
N GLY A 58 -2.79 5.03 -2.10
CA GLY A 58 -2.62 3.59 -2.16
C GLY A 58 -2.02 3.11 -0.86
N LYS A 59 -0.90 2.41 -0.94
CA LYS A 59 -0.18 2.01 0.27
C LYS A 59 1.01 2.92 0.58
N PHE A 60 1.15 4.01 -0.18
CA PHE A 60 2.18 5.00 0.09
C PHE A 60 1.73 6.01 1.15
N LEU A 61 2.64 6.34 2.06
CA LEU A 61 2.42 7.46 2.95
C LEU A 61 3.14 8.67 2.39
N LYS A 62 2.48 9.83 2.44
CA LYS A 62 3.08 11.09 2.00
C LYS A 62 3.19 12.03 3.19
N PHE A 63 4.39 12.15 3.73
CA PHE A 63 4.66 13.11 4.79
C PHE A 63 4.88 14.49 4.17
N LEU A 64 4.05 15.45 4.56
CA LEU A 64 4.19 16.81 4.04
C LEU A 64 5.00 17.67 5.00
N LEU A 65 6.11 18.22 4.52
CA LEU A 65 6.94 19.10 5.33
C LEU A 65 6.77 20.54 4.86
N ASP A 66 7.74 21.39 5.14
CA ASP A 66 7.65 22.78 4.73
C ASP A 66 7.78 22.93 3.22
N ARG A 67 8.89 22.42 2.69
CA ARG A 67 9.17 22.49 1.26
C ARG A 67 8.98 21.15 0.58
N ASP A 68 9.39 20.09 1.26
CA ASP A 68 9.41 18.75 0.65
C ASP A 68 8.28 17.84 1.07
N ALA A 69 8.10 16.77 0.31
CA ALA A 69 7.26 15.64 0.70
C ALA A 69 8.14 14.40 0.78
N LEU A 70 7.92 13.60 1.82
CA LEU A 70 8.57 12.29 1.93
C LEU A 70 7.56 11.22 1.59
N ILE A 71 7.85 10.43 0.57
CA ILE A 71 6.96 9.37 0.14
C ILE A 71 7.53 8.05 0.62
N SER A 72 6.75 7.33 1.42
CA SER A 72 7.24 6.13 2.09
C SER A 72 6.35 4.93 1.82
N HIS A 73 6.95 3.80 1.48
CA HIS A 73 6.23 2.55 1.33
C HIS A 73 6.83 1.52 2.29
N LEU A 74 5.98 0.83 3.04
CA LEU A 74 6.44 -0.10 4.08
C LEU A 74 6.56 -1.53 3.57
N ARG A 75 6.09 -1.77 2.35
CA ARG A 75 6.02 -3.12 1.81
C ARG A 75 5.40 -4.08 2.81
N MET A 76 5.97 -5.28 2.93
CA MET A 76 5.36 -6.33 3.72
C MET A 76 5.43 -6.11 5.24
N GLU A 77 6.58 -5.63 5.73
CA GLU A 77 6.84 -5.67 7.17
C GLU A 77 7.36 -4.37 7.78
N GLY A 78 7.35 -3.29 7.00
CA GLY A 78 7.80 -1.99 7.50
C GLY A 78 6.86 -1.46 8.56
N ARG A 79 7.39 -0.68 9.50
CA ARG A 79 6.58 -0.06 10.53
C ARG A 79 7.22 1.21 11.08
N TYR A 80 6.36 2.14 11.52
CA TYR A 80 6.81 3.40 12.10
C TYR A 80 6.48 3.46 13.59
N ALA A 81 7.36 4.09 14.35
CA ALA A 81 7.11 4.33 15.76
C ALA A 81 7.63 5.71 16.14
N VAL A 82 6.98 6.35 17.11
CA VAL A 82 7.49 7.60 17.67
C VAL A 82 7.93 7.35 19.10
N ALA A 83 9.18 7.68 19.40
CA ALA A 83 9.72 7.40 20.72
C ALA A 83 10.85 8.35 21.07
N SER A 84 11.37 8.21 22.29
CA SER A 84 12.39 9.11 22.81
C SER A 84 13.78 8.80 22.28
N ALA A 85 14.55 9.84 21.98
CA ALA A 85 15.92 9.70 21.55
C ALA A 85 16.81 9.15 22.68
N LEU A 86 16.28 9.11 23.90
CA LEU A 86 17.07 8.64 25.04
C LEU A 86 17.06 7.12 25.19
N GLU A 87 16.15 6.46 24.49
CA GLU A 87 15.97 5.01 24.63
C GLU A 87 16.64 4.25 23.50
N PRO A 88 17.08 3.01 23.78
CA PRO A 88 17.71 2.21 22.73
C PRO A 88 16.72 1.94 21.60
N LEU A 89 17.22 1.95 20.36
CA LEU A 89 16.40 1.62 19.20
C LEU A 89 15.98 0.16 19.21
N GLU A 90 14.83 -0.13 18.63
CA GLU A 90 14.39 -1.51 18.45
C GLU A 90 15.20 -2.17 17.35
N PRO A 91 15.25 -3.51 17.33
CA PRO A 91 15.98 -4.21 16.27
C PRO A 91 15.44 -3.85 14.89
N HIS A 92 16.32 -3.87 13.90
CA HIS A 92 15.95 -3.66 12.50
C HIS A 92 15.45 -2.25 12.21
N THR A 93 15.99 -1.27 12.94
CA THR A 93 15.67 0.14 12.69
C THR A 93 16.63 0.70 11.65
N HIS A 94 16.08 1.16 10.52
CA HIS A 94 16.92 1.53 9.39
C HIS A 94 17.00 3.02 9.10
N VAL A 95 15.97 3.77 9.49
CA VAL A 95 15.96 5.21 9.29
C VAL A 95 15.33 5.87 10.50
N VAL A 96 15.94 6.94 11.00
CA VAL A 96 15.39 7.67 12.13
C VAL A 96 15.35 9.16 11.84
N PHE A 97 14.19 9.77 12.04
CA PHE A 97 14.06 11.21 11.92
C PHE A 97 14.03 11.79 13.32
N CYS A 98 15.02 12.61 13.64
CA CYS A 98 15.16 13.15 14.98
C CYS A 98 14.56 14.56 15.03
N PHE A 99 13.65 14.78 15.97
CA PHE A 99 13.00 16.08 16.10
C PHE A 99 13.65 16.93 17.18
N THR A 100 13.45 18.24 17.10
CA THR A 100 14.08 19.18 18.04
C THR A 100 13.58 19.01 19.48
N ASP A 101 12.47 18.30 19.66
CA ASP A 101 11.92 18.10 20.99
C ASP A 101 12.42 16.82 21.66
N GLY A 102 13.41 16.17 21.05
CA GLY A 102 14.00 14.98 21.64
C GLY A 102 13.27 13.69 21.34
N SER A 103 12.21 13.79 20.54
CA SER A 103 11.51 12.60 20.07
C SER A 103 12.01 12.22 18.67
N GLU A 104 11.62 11.04 18.22
CA GLU A 104 12.08 10.50 16.95
C GLU A 104 10.95 9.78 16.25
N LEU A 105 10.96 9.86 14.92
CA LEU A 105 10.14 8.99 14.09
C LEU A 105 11.07 7.90 13.55
N ARG A 106 10.79 6.65 13.92
CA ARG A 106 11.66 5.55 13.54
C ARG A 106 11.01 4.59 12.56
N TYR A 107 11.77 4.22 11.53
CA TYR A 107 11.34 3.23 10.57
C TYR A 107 12.05 1.90 10.78
N ARG A 108 11.27 0.86 11.07
N ARG A 108 11.27 0.85 11.02
CA ARG A 108 11.81 -0.49 11.22
CA ARG A 108 11.79 -0.50 11.25
C ARG A 108 11.35 -1.33 10.04
C ARG A 108 11.26 -1.48 10.20
N ASP A 109 12.13 -2.36 9.71
CA ASP A 109 11.78 -3.24 8.59
C ASP A 109 12.72 -4.45 8.55
N VAL A 110 12.26 -5.56 9.12
CA VAL A 110 13.10 -6.76 9.19
C VAL A 110 13.54 -7.22 7.80
N ARG A 111 12.71 -6.97 6.80
CA ARG A 111 12.99 -7.42 5.44
C ARG A 111 13.73 -6.38 4.58
N LYS A 112 13.73 -5.12 5.01
CA LYS A 112 14.43 -4.05 4.29
C LYS A 112 13.89 -3.80 2.88
N PHE A 113 12.60 -4.08 2.67
CA PHE A 113 12.02 -3.90 1.35
C PHE A 113 11.41 -2.51 1.15
N GLY A 114 11.27 -1.78 2.25
CA GLY A 114 10.63 -0.48 2.21
C GLY A 114 11.41 0.53 1.39
N THR A 115 10.74 1.58 0.96
CA THR A 115 11.37 2.62 0.14
C THR A 115 11.03 4.01 0.64
N MET A 116 11.92 4.96 0.39
CA MET A 116 11.68 6.37 0.71
C MET A 116 12.13 7.27 -0.44
N HIS A 117 11.27 8.20 -0.84
CA HIS A 117 11.60 9.20 -1.85
C HIS A 117 11.26 10.58 -1.31
N VAL A 118 12.16 11.54 -1.51
CA VAL A 118 11.86 12.94 -1.14
C VAL A 118 11.96 13.86 -2.36
N TYR A 119 10.92 14.65 -2.59
CA TYR A 119 10.90 15.68 -3.63
C TYR A 119 10.24 16.93 -3.08
N ALA A 120 10.47 18.07 -3.74
CA ALA A 120 9.67 19.25 -3.44
C ALA A 120 8.20 18.84 -3.57
N LYS A 121 7.38 19.35 -2.66
CA LYS A 121 5.98 18.93 -2.59
C LYS A 121 5.27 18.96 -3.95
N GLU A 122 5.53 20.01 -4.72
CA GLU A 122 4.85 20.22 -5.99
C GLU A 122 5.25 19.22 -7.07
N GLU A 123 6.35 18.50 -6.84
CA GLU A 123 6.85 17.53 -7.81
C GLU A 123 6.47 16.09 -7.48
N ALA A 124 6.16 15.83 -6.21
CA ALA A 124 5.97 14.46 -5.74
C ALA A 124 4.97 13.65 -6.57
N ASP A 125 3.84 14.25 -6.90
CA ASP A 125 2.78 13.52 -7.60
C ASP A 125 3.12 13.14 -9.04
N ARG A 126 4.13 13.79 -9.62
CA ARG A 126 4.50 13.50 -11.00
CA ARG A 126 4.50 13.50 -11.00
C ARG A 126 5.85 12.78 -11.09
N ARG A 127 6.31 12.26 -9.96
CA ARG A 127 7.57 11.53 -9.89
CA ARG A 127 7.56 11.52 -9.92
C ARG A 127 7.33 10.14 -9.31
N PRO A 128 8.28 9.22 -9.51
CA PRO A 128 8.15 7.91 -8.84
C PRO A 128 8.23 8.13 -7.35
N PRO A 129 7.53 7.31 -6.55
CA PRO A 129 6.72 6.16 -6.98
C PRO A 129 5.24 6.49 -7.12
N LEU A 130 4.87 7.77 -7.03
CA LEU A 130 3.46 8.15 -7.10
C LEU A 130 2.96 8.33 -8.52
N ALA A 131 3.87 8.66 -9.43
CA ALA A 131 3.51 8.84 -10.82
C ALA A 131 2.87 7.56 -11.36
N GLU A 132 1.76 7.73 -12.07
CA GLU A 132 1.06 6.63 -12.71
C GLU A 132 0.19 5.80 -11.76
N LEU A 133 0.23 6.11 -10.47
CA LEU A 133 -0.61 5.42 -9.50
C LEU A 133 -2.08 5.57 -9.88
N GLY A 134 -2.81 4.46 -9.89
CA GLY A 134 -4.22 4.46 -10.23
C GLY A 134 -5.09 5.11 -9.16
N PRO A 135 -6.40 5.17 -9.40
CA PRO A 135 -7.34 5.82 -8.48
C PRO A 135 -7.50 5.06 -7.16
N GLU A 136 -7.83 5.79 -6.10
CA GLU A 136 -8.17 5.16 -4.83
C GLU A 136 -9.37 4.24 -5.00
N PRO A 137 -9.28 3.01 -4.46
CA PRO A 137 -10.38 2.05 -4.62
C PRO A 137 -11.69 2.56 -4.03
N LEU A 138 -11.61 3.46 -3.06
CA LEU A 138 -12.80 3.96 -2.39
C LEU A 138 -13.26 5.31 -2.94
N SER A 139 -12.63 5.77 -4.02
CA SER A 139 -13.01 7.03 -4.64
C SER A 139 -13.91 6.80 -5.85
N PRO A 140 -14.76 7.79 -6.16
CA PRO A 140 -15.61 7.69 -7.35
C PRO A 140 -14.78 7.59 -8.62
N ALA A 141 -13.50 7.95 -8.52
CA ALA A 141 -12.58 7.85 -9.65
C ALA A 141 -12.34 6.40 -10.05
N PHE A 142 -12.48 5.49 -9.10
CA PHE A 142 -12.44 4.07 -9.40
C PHE A 142 -13.87 3.57 -9.60
N SER A 143 -14.25 3.42 -10.86
CA SER A 143 -15.63 3.04 -11.20
C SER A 143 -15.65 1.74 -12.00
N PRO A 144 -16.83 1.11 -12.10
CA PRO A 144 -16.96 -0.07 -12.96
C PRO A 144 -16.52 0.25 -14.38
N ALA A 145 -16.81 1.46 -14.84
CA ALA A 145 -16.44 1.87 -16.19
C ALA A 145 -14.92 1.88 -16.37
N VAL A 146 -14.22 2.44 -15.40
CA VAL A 146 -12.76 2.48 -15.43
C VAL A 146 -12.18 1.07 -15.39
N LEU A 147 -12.75 0.22 -14.54
CA LEU A 147 -12.31 -1.16 -14.42
C LEU A 147 -12.54 -1.92 -15.73
N ALA A 148 -13.72 -1.73 -16.31
CA ALA A 148 -14.07 -2.41 -17.56
C ALA A 148 -13.12 -2.01 -18.69
N GLU A 149 -12.77 -0.73 -18.75
CA GLU A 149 -11.89 -0.23 -19.79
C GLU A 149 -10.51 -0.89 -19.75
N ARG A 150 -10.00 -1.11 -18.56
CA ARG A 150 -8.69 -1.74 -18.40
C ARG A 150 -8.78 -3.25 -18.69
N ALA A 151 -9.89 -3.86 -18.29
CA ALA A 151 -10.07 -5.29 -18.44
C ALA A 151 -10.11 -5.74 -19.90
N VAL A 152 -10.82 -4.96 -20.73
CA VAL A 152 -11.00 -5.32 -22.14
C VAL A 152 -9.73 -5.16 -22.96
N LYS A 153 -8.84 -4.27 -22.52
CA LYS A 153 -7.65 -3.93 -23.30
C LYS A 153 -6.45 -4.83 -23.00
N THR A 154 -6.63 -5.80 -22.11
CA THR A 154 -5.52 -6.65 -21.70
C THR A 154 -5.77 -8.14 -21.94
N LYS A 155 -4.70 -8.91 -22.01
CA LYS A 155 -4.80 -10.36 -22.15
C LYS A 155 -4.46 -11.05 -20.84
N ARG A 156 -4.18 -10.25 -19.82
CA ARG A 156 -3.79 -10.77 -18.51
CA ARG A 156 -3.81 -10.77 -18.50
C ARG A 156 -5.01 -11.33 -17.76
N SER A 157 -4.74 -12.02 -16.66
CA SER A 157 -5.79 -12.54 -15.80
C SER A 157 -6.42 -11.40 -15.01
N VAL A 158 -7.61 -11.62 -14.48
CA VAL A 158 -8.28 -10.60 -13.68
C VAL A 158 -7.50 -10.31 -12.41
N LYS A 159 -6.87 -11.33 -11.83
CA LYS A 159 -6.04 -11.12 -10.66
C LYS A 159 -4.86 -10.20 -10.96
N ALA A 160 -4.17 -10.48 -12.07
CA ALA A 160 -3.05 -9.64 -12.49
C ALA A 160 -3.49 -8.20 -12.67
N LEU A 161 -4.69 -8.01 -13.21
CA LEU A 161 -5.24 -6.68 -13.43
C LEU A 161 -5.42 -5.93 -12.12
N LEU A 162 -6.02 -6.58 -11.14
CA LEU A 162 -6.32 -5.94 -9.86
C LEU A 162 -5.06 -5.63 -9.07
N LEU A 163 -4.00 -6.40 -9.29
CA LEU A 163 -2.73 -6.17 -8.60
C LEU A 163 -1.95 -5.02 -9.24
N ASP A 164 -2.39 -4.60 -10.42
CA ASP A 164 -1.70 -3.55 -11.17
C ASP A 164 -1.94 -2.18 -10.51
N CYS A 165 -0.88 -1.58 -10.01
CA CYS A 165 -0.98 -0.31 -9.28
C CYS A 165 -1.52 0.83 -10.15
N THR A 166 -1.41 0.70 -11.46
CA THR A 166 -1.91 1.71 -12.37
C THR A 166 -3.42 1.58 -12.58
N VAL A 167 -3.94 0.39 -12.28
CA VAL A 167 -5.37 0.13 -12.42
C VAL A 167 -6.13 0.65 -11.21
N VAL A 168 -5.63 0.32 -10.03
CA VAL A 168 -6.24 0.74 -8.78
C VAL A 168 -5.15 0.80 -7.71
N ALA A 169 -5.21 1.82 -6.86
CA ALA A 169 -4.12 2.13 -5.93
C ALA A 169 -4.05 1.22 -4.71
N GLY A 170 -3.00 0.41 -4.63
CA GLY A 170 -2.68 -0.33 -3.42
C GLY A 170 -3.65 -1.41 -3.00
N PHE A 171 -4.23 -2.12 -3.97
CA PHE A 171 -5.15 -3.21 -3.70
C PHE A 171 -4.36 -4.52 -3.59
N GLY A 172 -4.17 -5.00 -2.37
CA GLY A 172 -3.24 -6.08 -2.12
C GLY A 172 -3.74 -7.49 -2.39
N ASN A 173 -2.80 -8.45 -2.35
CA ASN A 173 -3.08 -9.85 -2.63
C ASN A 173 -4.27 -10.40 -1.85
N ILE A 174 -4.27 -10.16 -0.54
CA ILE A 174 -5.33 -10.66 0.32
C ILE A 174 -6.70 -10.14 -0.13
N TYR A 175 -6.77 -8.86 -0.48
CA TYR A 175 -8.05 -8.27 -0.86
C TYR A 175 -8.45 -8.65 -2.29
N VAL A 176 -7.47 -8.87 -3.16
CA VAL A 176 -7.75 -9.39 -4.49
C VAL A 176 -8.43 -10.76 -4.38
N ASP A 177 -7.84 -11.67 -3.63
CA ASP A 177 -8.40 -13.01 -3.47
C ASP A 177 -9.78 -12.98 -2.80
N GLU A 178 -9.91 -12.19 -1.74
CA GLU A 178 -11.19 -12.10 -1.03
C GLU A 178 -12.27 -11.49 -1.90
N SER A 179 -11.93 -10.43 -2.63
CA SER A 179 -12.90 -9.75 -3.50
C SER A 179 -13.37 -10.66 -4.63
N LEU A 180 -12.44 -11.38 -5.23
CA LEU A 180 -12.77 -12.30 -6.31
C LEU A 180 -13.67 -13.43 -5.81
N PHE A 181 -13.41 -13.92 -4.60
CA PHE A 181 -14.29 -14.93 -4.03
C PHE A 181 -15.70 -14.38 -3.83
N ARG A 182 -15.79 -13.21 -3.22
CA ARG A 182 -17.08 -12.59 -2.93
C ARG A 182 -17.85 -12.24 -4.21
N ALA A 183 -17.12 -12.02 -5.30
CA ALA A 183 -17.72 -11.73 -6.59
C ALA A 183 -18.01 -13.00 -7.40
N GLY A 184 -17.50 -14.15 -6.95
CA GLY A 184 -17.75 -15.42 -7.62
C GLY A 184 -16.98 -15.60 -8.92
N ILE A 185 -15.77 -15.02 -8.96
CA ILE A 185 -14.96 -15.03 -10.16
C ILE A 185 -13.61 -15.70 -9.90
N LEU A 186 -13.26 -16.68 -10.72
CA LEU A 186 -11.96 -17.34 -10.60
C LEU A 186 -10.83 -16.35 -10.90
N PRO A 187 -9.76 -16.38 -10.09
CA PRO A 187 -8.64 -15.44 -10.23
C PRO A 187 -7.93 -15.58 -11.56
N GLY A 188 -7.94 -16.78 -12.12
CA GLY A 188 -7.23 -17.07 -13.36
C GLY A 188 -8.02 -16.71 -14.61
N ARG A 189 -9.25 -16.26 -14.44
CA ARG A 189 -10.08 -15.82 -15.57
C ARG A 189 -9.36 -14.71 -16.32
N PRO A 190 -9.34 -14.79 -17.66
CA PRO A 190 -8.82 -13.64 -18.41
C PRO A 190 -9.66 -12.41 -18.09
N ALA A 191 -9.01 -11.29 -17.80
CA ALA A 191 -9.71 -10.06 -17.46
C ALA A 191 -10.74 -9.70 -18.53
N ALA A 192 -10.38 -9.94 -19.79
CA ALA A 192 -11.26 -9.61 -20.92
C ALA A 192 -12.46 -10.55 -21.02
N SER A 193 -12.45 -11.63 -20.27
CA SER A 193 -13.53 -12.62 -20.33
C SER A 193 -14.70 -12.25 -19.42
N LEU A 194 -14.49 -11.27 -18.55
CA LEU A 194 -15.53 -10.83 -17.63
C LEU A 194 -16.65 -10.07 -18.33
N SER A 195 -17.89 -10.44 -18.03
CA SER A 195 -19.05 -9.73 -18.55
C SER A 195 -19.21 -8.39 -17.85
N SER A 196 -20.07 -7.53 -18.39
CA SER A 196 -20.37 -6.26 -17.75
C SER A 196 -20.94 -6.52 -16.36
N LYS A 197 -21.72 -7.59 -16.24
CA LYS A 197 -22.31 -7.97 -14.97
C LYS A 197 -21.22 -8.34 -13.96
N GLU A 198 -20.24 -9.11 -14.41
CA GLU A 198 -19.15 -9.55 -13.55
C GLU A 198 -18.25 -8.39 -13.14
N ILE A 199 -18.01 -7.46 -14.06
CA ILE A 199 -17.21 -6.27 -13.75
C ILE A 199 -17.88 -5.44 -12.68
N GLU A 200 -19.19 -5.24 -12.84
CA GLU A 200 -19.98 -4.48 -11.87
C GLU A 200 -19.91 -5.14 -10.50
N ARG A 201 -20.13 -6.45 -10.46
CA ARG A 201 -20.09 -7.21 -9.22
C ARG A 201 -18.71 -7.16 -8.58
N LEU A 202 -17.67 -7.31 -9.41
CA LEU A 202 -16.29 -7.25 -8.91
C LEU A 202 -15.98 -5.91 -8.28
N HIS A 203 -16.32 -4.83 -8.97
CA HIS A 203 -16.11 -3.49 -8.42
C HIS A 203 -16.83 -3.35 -7.08
N GLU A 204 -18.08 -3.81 -7.04
CA GLU A 204 -18.89 -3.74 -5.84
C GLU A 204 -18.20 -4.42 -4.66
N GLU A 205 -17.72 -5.63 -4.89
CA GLU A 205 -17.08 -6.41 -3.84
C GLU A 205 -15.71 -5.84 -3.45
N MET A 206 -14.98 -5.31 -4.41
CA MET A 206 -13.70 -4.66 -4.12
C MET A 206 -13.90 -3.51 -3.15
N VAL A 207 -14.88 -2.67 -3.45
CA VAL A 207 -15.19 -1.51 -2.61
C VAL A 207 -15.68 -1.95 -1.23
N ALA A 208 -16.59 -2.92 -1.20
CA ALA A 208 -17.12 -3.43 0.05
C ALA A 208 -16.02 -4.06 0.90
N THR A 209 -15.19 -4.89 0.28
CA THR A 209 -14.16 -5.63 1.01
C THR A 209 -13.14 -4.70 1.65
N ILE A 210 -12.56 -3.82 0.85
CA ILE A 210 -11.53 -2.93 1.38
C ILE A 210 -12.14 -1.82 2.23
N GLY A 211 -13.36 -1.42 1.91
CA GLY A 211 -14.06 -0.41 2.69
C GLY A 211 -14.37 -0.90 4.09
N GLU A 212 -14.83 -2.15 4.18
CA GLU A 212 -15.11 -2.77 5.47
C GLU A 212 -13.84 -2.84 6.33
N ALA A 213 -12.72 -3.14 5.67
CA ALA A 213 -11.45 -3.27 6.37
C ALA A 213 -10.92 -1.93 6.87
N VAL A 214 -11.08 -0.90 6.06
CA VAL A 214 -10.65 0.45 6.45
C VAL A 214 -11.42 0.93 7.68
N MET A 215 -12.69 0.55 7.76
CA MET A 215 -13.53 0.92 8.89
C MET A 215 -13.13 0.14 10.14
N HIS A 237 -12.39 -12.43 9.61
CA HIS A 237 -13.32 -13.17 8.77
C HIS A 237 -12.85 -13.22 7.32
N LEU A 238 -11.94 -14.16 7.03
CA LEU A 238 -11.49 -14.38 5.65
C LEU A 238 -12.22 -15.58 5.06
N TYR A 239 -12.51 -15.51 3.77
CA TYR A 239 -13.19 -16.61 3.09
C TYR A 239 -12.20 -17.58 2.45
N VAL A 240 -11.12 -17.06 1.88
CA VAL A 240 -10.20 -17.91 1.12
C VAL A 240 -8.73 -17.71 1.45
N TYR A 241 -8.32 -16.47 1.70
CA TYR A 241 -6.90 -16.18 1.86
C TYR A 241 -6.27 -16.96 3.02
N GLY A 242 -5.28 -17.78 2.69
CA GLY A 242 -4.58 -18.58 3.68
C GLY A 242 -5.42 -19.74 4.23
N ARG A 243 -6.53 -20.05 3.57
CA ARG A 243 -7.43 -21.09 4.07
C ARG A 243 -7.38 -22.39 3.26
N GLN A 244 -6.35 -22.54 2.43
CA GLN A 244 -6.24 -23.72 1.58
C GLN A 244 -6.34 -25.00 2.41
N GLY A 245 -7.07 -25.98 1.88
CA GLY A 245 -7.24 -27.25 2.56
C GLY A 245 -8.37 -27.24 3.57
N ASN A 246 -8.90 -26.05 3.85
CA ASN A 246 -10.03 -25.90 4.76
C ASN A 246 -11.33 -25.71 3.99
N PRO A 247 -12.46 -26.07 4.61
CA PRO A 247 -13.75 -25.97 3.91
C PRO A 247 -14.15 -24.52 3.64
N CYS A 248 -14.71 -24.29 2.46
CA CYS A 248 -15.28 -23.00 2.13
C CYS A 248 -16.39 -22.68 3.13
N LYS A 249 -16.43 -21.42 3.57
CA LYS A 249 -17.40 -21.00 4.56
C LYS A 249 -18.80 -20.88 3.98
N ARG A 250 -18.90 -20.89 2.64
CA ARG A 250 -20.18 -20.79 1.96
C ARG A 250 -20.71 -22.12 1.43
N CYS A 251 -19.82 -23.02 1.00
CA CYS A 251 -20.27 -24.27 0.37
C CYS A 251 -19.59 -25.53 0.89
N GLY A 252 -18.56 -25.39 1.71
CA GLY A 252 -17.88 -26.53 2.30
C GLY A 252 -16.81 -27.20 1.44
N THR A 253 -16.69 -26.76 0.19
CA THR A 253 -15.67 -27.29 -0.71
C THR A 253 -14.30 -26.85 -0.23
N PRO A 254 -13.32 -27.77 -0.24
CA PRO A 254 -11.98 -27.36 0.21
C PRO A 254 -11.41 -26.20 -0.61
N ILE A 255 -10.92 -25.17 0.08
CA ILE A 255 -10.28 -24.05 -0.58
C ILE A 255 -8.98 -24.53 -1.21
N GLU A 256 -8.68 -24.06 -2.41
CA GLU A 256 -7.47 -24.46 -3.10
C GLU A 256 -6.51 -23.30 -3.22
N LYS A 257 -5.23 -23.62 -3.38
CA LYS A 257 -4.20 -22.61 -3.55
C LYS A 257 -3.31 -22.96 -4.74
N THR A 258 -3.11 -21.98 -5.60
CA THR A 258 -2.25 -22.15 -6.77
C THR A 258 -1.45 -20.88 -6.96
N VAL A 259 -0.69 -20.81 -8.04
CA VAL A 259 0.04 -19.59 -8.38
C VAL A 259 -0.63 -18.92 -9.57
N VAL A 260 -1.06 -17.68 -9.37
CA VAL A 260 -1.65 -16.86 -10.43
C VAL A 260 -0.99 -15.49 -10.40
N ALA A 261 -0.59 -15.00 -11.58
CA ALA A 261 0.09 -13.72 -11.67
C ALA A 261 1.34 -13.69 -10.79
N GLY A 262 1.96 -14.85 -10.62
CA GLY A 262 3.18 -14.97 -9.86
C GLY A 262 2.99 -14.91 -8.35
N ARG A 263 1.75 -15.00 -7.90
CA ARG A 263 1.46 -14.88 -6.47
C ARG A 263 0.63 -16.06 -5.95
N GLY A 264 0.81 -16.37 -4.67
CA GLY A 264 -0.03 -17.34 -4.00
C GLY A 264 -1.48 -16.89 -4.15
N THR A 265 -2.33 -17.80 -4.62
CA THR A 265 -3.70 -17.45 -4.94
C THR A 265 -4.67 -18.47 -4.39
N HIS A 266 -5.66 -17.98 -3.63
CA HIS A 266 -6.58 -18.84 -2.92
C HIS A 266 -7.99 -18.65 -3.48
N TYR A 267 -8.71 -19.75 -3.68
CA TYR A 267 -10.03 -19.68 -4.28
C TYR A 267 -10.86 -20.90 -3.93
N CYS A 268 -12.17 -20.76 -4.03
CA CYS A 268 -13.07 -21.91 -3.95
C CYS A 268 -13.50 -22.30 -5.35
N PRO A 269 -13.21 -23.55 -5.75
CA PRO A 269 -13.49 -23.98 -7.13
C PRO A 269 -14.98 -24.18 -7.40
N ARG A 270 -15.81 -24.12 -6.37
CA ARG A 270 -17.25 -24.22 -6.56
C ARG A 270 -17.92 -22.84 -6.63
N CYS A 271 -17.60 -21.97 -5.67
CA CYS A 271 -18.22 -20.64 -5.59
C CYS A 271 -17.74 -19.72 -6.71
N GLN A 272 -16.51 -19.92 -7.16
CA GLN A 272 -15.93 -19.05 -8.18
C GLN A 272 -15.88 -19.76 -9.54
N ARG A 273 -16.22 -19.01 -10.58
CA ARG A 273 -16.28 -19.56 -11.94
C ARG A 273 -15.58 -18.65 -12.94
P 08Q C 11 6.13 2.10 -8.50
OP1 08Q C 11 6.25 1.56 -9.87
C8' 08Q C 11 3.40 2.63 -10.08
C7' 08Q C 11 3.64 3.06 -8.65
C5' 08Q C 11 8.70 2.64 -7.73
O5' 08Q C 11 7.37 3.03 -8.10
C4' 08Q C 11 9.56 1.95 -8.84
O4' 08Q C 11 8.89 0.67 -9.22
C3' 08Q C 11 10.30 2.03 -10.08
O3' 08Q C 11 11.39 2.94 -9.92
C2' 08Q C 11 10.83 0.53 -10.30
C1' 08Q C 11 9.58 0.04 -10.31
N1 08Q C 11 8.99 -1.25 -10.51
C2 08Q C 11 9.78 -2.40 -10.51
O2 08Q C 11 10.99 -2.30 -10.31
N3 08Q C 11 9.21 -3.65 -10.72
C4 08Q C 11 7.83 -3.76 -10.94
N4 08Q C 11 5.06 3.32 -8.39
O4 08Q C 11 7.33 -4.87 -11.11
C5 08Q C 11 7.03 -2.62 -10.96
C7 08Q C 11 5.53 -2.76 -11.20
C6 08Q C 11 7.61 -1.36 -10.75
S 08Q C 11 1.61 2.36 -10.38
ZN ZN D . -17.38 -22.26 -1.93
#